data_7L8N
#
_entry.id   7L8N
#
_cell.length_a   76.360
_cell.length_b   84.590
_cell.length_c   100.240
_cell.angle_alpha   90.000
_cell.angle_beta   90.000
_cell.angle_gamma   90.000
#
_symmetry.space_group_name_H-M   'C 2 2 21'
#
loop_
_entity.id
_entity.type
_entity.pdbx_description
1 polymer 'Diadenylate cyclase'
2 non-polymer 'ADENOSINE MONOPHOSPHATE'
3 non-polymer 'ACETATE ION'
4 non-polymer 'MALONATE ION'
5 non-polymer 'CHLORIDE ION'
6 water water
#
_entity_poly.entity_id   1
_entity_poly.type   'polypeptide(L)'
_entity_poly.pdbx_seq_one_letter_code
;QQLSDDEKLVAAFVKAVAYMSPRKIGALVSIEETQTLREYIATGIPLDADISGELLINIFIPNTPLHDGAVIVEGNKIAV
SCAYLPLSESSHISKEFGTRHRAAIGLSEASDAFTFVVSEETGAISVAYKGDFIHDLSLEAFEVLLREHFI
;
_entity_poly.pdbx_strand_id   A,B
#
# COMPACT_ATOMS: atom_id res chain seq x y z
N GLN A 1 -22.02 6.05 15.24
CA GLN A 1 -21.21 5.83 16.42
C GLN A 1 -19.91 5.09 16.21
N GLN A 2 -19.77 4.39 15.08
CA GLN A 2 -18.45 3.88 14.76
C GLN A 2 -17.50 5.07 14.64
N LEU A 3 -16.21 4.80 14.75
CA LEU A 3 -15.21 5.85 14.71
C LEU A 3 -15.40 6.76 13.51
N SER A 4 -15.48 8.05 13.75
CA SER A 4 -15.61 9.04 12.69
C SER A 4 -14.40 8.99 11.75
N ASP A 5 -14.59 9.57 10.56
CA ASP A 5 -13.51 9.68 9.59
C ASP A 5 -12.34 10.45 10.18
N ASP A 6 -12.62 11.51 10.95
CA ASP A 6 -11.55 12.32 11.51
C ASP A 6 -10.74 11.55 12.55
N GLU A 7 -11.41 10.77 13.40
CA GLU A 7 -10.71 9.93 14.35
C GLU A 7 -9.85 8.89 13.65
N LYS A 8 -10.33 8.31 12.53
CA LYS A 8 -9.51 7.33 11.83
C LYS A 8 -8.28 7.99 11.22
N LEU A 9 -8.45 9.18 10.66
CA LEU A 9 -7.32 9.91 10.10
C LEU A 9 -6.25 10.16 11.15
N VAL A 10 -6.63 10.74 12.31
CA VAL A 10 -5.67 11.01 13.37
C VAL A 10 -4.95 9.73 13.78
N ALA A 11 -5.73 8.65 14.04
CA ALA A 11 -5.14 7.39 14.45
C ALA A 11 -4.17 6.85 13.40
N ALA A 12 -4.53 6.97 12.12
CA ALA A 12 -3.64 6.48 11.06
C ALA A 12 -2.31 7.24 11.08
N PHE A 13 -2.36 8.56 11.19
CA PHE A 13 -1.11 9.33 11.15
C PHE A 13 -0.24 9.04 12.36
N VAL A 14 -0.87 8.90 13.53
CA VAL A 14 -0.13 8.63 14.75
C VAL A 14 0.52 7.26 14.68
N LYS A 15 -0.22 6.25 14.23
CA LYS A 15 0.38 4.92 14.10
C LYS A 15 1.54 4.96 13.12
N ALA A 16 1.41 5.68 12.02
CA ALA A 16 2.44 5.66 11.01
C ALA A 16 3.74 6.29 11.49
N VAL A 17 3.66 7.48 12.10
CA VAL A 17 4.88 8.13 12.56
C VAL A 17 5.45 7.37 13.74
N ALA A 18 4.60 6.81 14.60
CA ALA A 18 5.12 6.01 15.71
C ALA A 18 5.99 4.85 15.24
N TYR A 19 5.68 4.30 14.07
CA TYR A 19 6.49 3.24 13.49
C TYR A 19 7.72 3.81 12.78
N MET A 20 7.54 4.87 12.00
CA MET A 20 8.61 5.34 11.12
C MET A 20 9.65 6.17 11.86
N SER A 21 9.28 6.91 12.88
CA SER A 21 10.24 7.77 13.55
C SER A 21 11.40 7.01 14.18
N PRO A 22 11.18 6.02 15.04
CA PRO A 22 12.34 5.31 15.63
C PRO A 22 13.21 4.60 14.63
N ARG A 23 12.63 4.17 13.50
CA ARG A 23 13.33 3.47 12.43
C ARG A 23 14.00 4.44 11.45
N LYS A 24 13.81 5.74 11.64
CA LYS A 24 14.31 6.76 10.72
C LYS A 24 13.92 6.47 9.28
N ILE A 25 12.65 6.14 9.09
CA ILE A 25 12.07 6.01 7.77
C ILE A 25 11.52 7.35 7.32
N GLY A 26 12.01 7.86 6.19
CA GLY A 26 11.58 9.15 5.73
C GLY A 26 10.16 9.07 5.20
N ALA A 27 9.37 10.11 5.49
CA ALA A 27 7.99 10.14 5.06
C ALA A 27 7.58 11.58 4.81
N LEU A 28 6.60 11.74 3.91
CA LEU A 28 6.11 13.04 3.45
C LEU A 28 4.64 12.89 3.10
N VAL A 29 3.78 13.52 3.88
CA VAL A 29 2.33 13.32 3.79
C VAL A 29 1.65 14.68 3.85
N SER A 30 0.86 15.00 2.83
CA SER A 30 0.16 16.25 2.69
C SER A 30 -1.33 15.99 2.66
N ILE A 31 -2.09 16.83 3.38
CA ILE A 31 -3.55 16.71 3.45
C ILE A 31 -4.15 17.96 2.84
N GLU A 32 -5.01 17.76 1.83
CA GLU A 32 -5.76 18.83 1.18
C GLU A 32 -6.74 19.48 2.15
N GLU A 33 -6.77 20.80 2.12
CA GLU A 33 -7.73 21.55 2.94
C GLU A 33 -8.71 22.24 2.02
N THR A 34 -8.72 23.58 1.98
CA THR A 34 -9.70 24.25 1.12
C THR A 34 -9.20 24.46 -0.31
N GLN A 35 -7.90 24.60 -0.53
CA GLN A 35 -7.35 24.79 -1.87
C GLN A 35 -7.02 23.44 -2.51
N THR A 36 -7.52 23.22 -3.71
CA THR A 36 -7.33 21.95 -4.36
C THR A 36 -5.85 21.67 -4.60
N LEU A 37 -5.46 20.41 -4.36
CA LEU A 37 -4.11 19.94 -4.63
C LEU A 37 -4.05 19.20 -5.96
N ARG A 38 -5.04 19.43 -6.82
CA ARG A 38 -5.21 18.66 -8.06
C ARG A 38 -3.94 18.63 -8.92
N GLU A 39 -3.23 19.76 -9.02
CA GLU A 39 -2.04 19.78 -9.88
C GLU A 39 -0.90 18.95 -9.30
N TYR A 40 -0.83 18.81 -7.98
CA TYR A 40 0.19 17.94 -7.39
C TYR A 40 -0.25 16.49 -7.41
N ILE A 41 -1.55 16.24 -7.16
CA ILE A 41 -2.06 14.87 -7.23
C ILE A 41 -1.83 14.25 -8.59
N ALA A 42 -1.91 15.08 -9.65
CA ALA A 42 -1.67 14.61 -11.01
C ALA A 42 -0.26 14.05 -11.21
N THR A 43 0.69 14.41 -10.36
CA THR A 43 2.05 13.90 -10.55
C THR A 43 2.31 12.56 -9.88
N GLY A 44 1.38 12.08 -9.05
CA GLY A 44 1.58 10.89 -8.27
C GLY A 44 1.00 9.65 -8.92
N ILE A 45 1.22 8.53 -8.27
CA ILE A 45 0.71 7.23 -8.72
C ILE A 45 -0.66 7.02 -8.09
N PRO A 46 -1.70 6.78 -8.87
CA PRO A 46 -3.06 6.64 -8.29
C PRO A 46 -3.17 5.48 -7.34
N LEU A 47 -3.62 5.77 -6.12
CA LEU A 47 -3.96 4.75 -5.14
C LEU A 47 -5.44 4.76 -4.79
N ASP A 48 -6.04 5.94 -4.56
CA ASP A 48 -7.44 6.06 -4.14
C ASP A 48 -7.80 5.05 -3.05
N ALA A 49 -6.96 5.01 -2.00
CA ALA A 49 -7.01 3.95 -1.01
C ALA A 49 -7.55 4.48 0.31
N ASP A 50 -8.24 3.60 1.03
CA ASP A 50 -8.64 3.91 2.39
C ASP A 50 -7.44 4.25 3.25
N ILE A 51 -7.63 5.19 4.17
CA ILE A 51 -6.53 5.66 5.04
C ILE A 51 -6.36 4.67 6.19
N SER A 52 -5.16 4.11 6.31
CA SER A 52 -4.77 3.34 7.50
C SER A 52 -3.31 3.63 7.82
N GLY A 53 -2.97 3.52 9.09
CA GLY A 53 -1.57 3.58 9.48
C GLY A 53 -0.72 2.53 8.81
N GLU A 54 -1.27 1.31 8.66
CA GLU A 54 -0.54 0.22 8.04
C GLU A 54 -0.20 0.54 6.60
N LEU A 55 -1.16 1.07 5.83
CA LEU A 55 -0.84 1.37 4.43
C LEU A 55 0.19 2.49 4.34
N LEU A 56 0.08 3.53 5.19
CA LEU A 56 1.05 4.60 5.12
C LEU A 56 2.45 4.08 5.40
N ILE A 57 2.58 3.17 6.38
CA ILE A 57 3.87 2.55 6.67
C ILE A 57 4.38 1.78 5.46
N ASN A 58 3.54 0.93 4.88
CA ASN A 58 4.02 0.11 3.78
C ASN A 58 4.44 0.96 2.57
N ILE A 59 3.80 2.10 2.38
CA ILE A 59 4.15 2.97 1.26
C ILE A 59 5.59 3.43 1.35
N PHE A 60 6.03 3.82 2.57
CA PHE A 60 7.30 4.49 2.75
C PHE A 60 8.45 3.55 3.12
N ILE A 61 8.23 2.24 3.12
CA ILE A 61 9.38 1.36 3.43
C ILE A 61 10.52 1.64 2.46
N PRO A 62 11.74 1.78 2.93
CA PRO A 62 12.83 2.13 2.02
C PRO A 62 13.01 1.15 0.87
N ASN A 63 13.47 1.71 -0.26
CA ASN A 63 13.87 0.93 -1.44
C ASN A 63 12.71 0.15 -2.03
N THR A 64 11.50 0.70 -1.94
CA THR A 64 10.32 0.11 -2.53
C THR A 64 9.77 1.00 -3.63
N PRO A 65 8.90 0.48 -4.48
CA PRO A 65 8.39 1.31 -5.60
C PRO A 65 7.61 2.56 -5.19
N LEU A 66 6.89 2.56 -4.06
CA LEU A 66 6.07 3.72 -3.73
C LEU A 66 6.72 4.73 -2.77
N HIS A 67 7.96 4.52 -2.33
CA HIS A 67 8.44 5.28 -1.17
C HIS A 67 8.93 6.69 -1.51
N ASP A 68 9.29 6.96 -2.75
CA ASP A 68 9.81 8.27 -3.08
C ASP A 68 8.65 9.24 -3.34
N GLY A 69 8.86 10.50 -2.99
CA GLY A 69 7.87 11.51 -3.21
C GLY A 69 6.82 11.57 -2.11
N ALA A 70 5.80 12.39 -2.36
CA ALA A 70 4.80 12.68 -1.34
C ALA A 70 3.55 11.83 -1.50
N VAL A 71 2.98 11.42 -0.36
CA VAL A 71 1.58 10.98 -0.29
C VAL A 71 0.66 12.18 -0.11
N ILE A 72 -0.45 12.18 -0.84
CA ILE A 72 -1.44 13.24 -0.75
C ILE A 72 -2.77 12.61 -0.35
N VAL A 73 -3.33 13.11 0.73
CA VAL A 73 -4.62 12.69 1.25
C VAL A 73 -5.66 13.72 0.82
N GLU A 74 -6.77 13.23 0.29
CA GLU A 74 -7.89 14.06 -0.14
C GLU A 74 -9.16 13.40 0.38
N GLY A 75 -9.84 14.09 1.30
CA GLY A 75 -11.06 13.53 1.87
C GLY A 75 -10.72 12.43 2.84
N ASN A 76 -11.31 11.26 2.62
CA ASN A 76 -10.99 10.08 3.42
C ASN A 76 -10.26 9.02 2.59
N LYS A 77 -9.51 9.46 1.59
CA LYS A 77 -8.68 8.57 0.79
C LYS A 77 -7.26 9.08 0.67
N ILE A 78 -6.33 8.12 0.57
CA ILE A 78 -4.97 8.35 0.07
C ILE A 78 -5.08 8.43 -1.46
N ALA A 79 -4.98 9.63 -2.01
CA ALA A 79 -5.21 9.77 -3.44
C ALA A 79 -4.06 9.20 -4.26
N VAL A 80 -2.84 9.53 -3.87
CA VAL A 80 -1.65 9.18 -4.65
C VAL A 80 -0.48 9.04 -3.69
N SER A 81 0.52 8.31 -4.13
CA SER A 81 1.85 8.43 -3.57
C SER A 81 2.78 8.93 -4.66
N CYS A 82 4.04 9.15 -4.30
CA CYS A 82 5.08 9.53 -5.27
C CYS A 82 4.79 10.87 -5.97
N ALA A 83 4.10 11.76 -5.30
CA ALA A 83 3.77 13.04 -5.88
C ALA A 83 4.94 14.02 -5.73
N TYR A 84 5.00 14.96 -6.66
CA TYR A 84 5.95 16.05 -6.66
C TYR A 84 5.32 17.29 -6.02
N LEU A 85 6.00 17.87 -5.06
CA LEU A 85 5.57 19.13 -4.46
C LEU A 85 6.55 20.25 -4.78
N PRO A 86 6.12 21.51 -4.72
CA PRO A 86 7.07 22.61 -5.00
C PRO A 86 8.13 22.70 -3.90
N LEU A 87 9.38 22.71 -4.31
CA LEU A 87 10.48 22.89 -3.37
C LEU A 87 10.55 24.35 -2.95
N SER A 88 10.78 24.59 -1.67
CA SER A 88 10.88 25.96 -1.19
C SER A 88 12.10 26.61 -1.82
N GLU A 89 11.92 27.84 -2.30
CA GLU A 89 13.00 28.65 -2.84
C GLU A 89 13.64 29.52 -1.77
N SER A 90 13.08 29.55 -0.57
CA SER A 90 13.66 30.30 0.53
C SER A 90 15.08 29.85 0.82
N SER A 91 15.89 30.78 1.31
CA SER A 91 17.27 30.52 1.69
C SER A 91 17.48 30.53 3.20
N HIS A 92 16.49 30.95 3.99
CA HIS A 92 16.56 30.85 5.45
C HIS A 92 16.05 29.48 5.92
N ILE A 93 16.63 28.40 5.38
CA ILE A 93 16.32 27.04 5.78
C ILE A 93 17.63 26.37 6.18
N SER A 94 17.68 25.84 7.41
CA SER A 94 18.92 25.28 7.94
C SER A 94 19.47 24.23 6.98
N LYS A 95 20.79 24.13 6.93
CA LYS A 95 21.43 23.09 6.14
C LYS A 95 21.13 21.70 6.70
N GLU A 96 20.56 21.62 7.90
CA GLU A 96 20.18 20.35 8.48
C GLU A 96 18.98 19.72 7.77
N PHE A 97 18.24 20.49 6.99
CA PHE A 97 16.97 20.04 6.45
C PHE A 97 17.09 19.80 4.96
N GLY A 98 16.82 18.57 4.55
CA GLY A 98 16.96 18.15 3.17
C GLY A 98 15.71 18.38 2.33
N THR A 99 15.62 17.62 1.24
CA THR A 99 14.66 17.94 0.19
C THR A 99 13.23 17.64 0.59
N ARG A 100 12.99 16.57 1.38
CA ARG A 100 11.64 16.29 1.87
C ARG A 100 11.10 17.48 2.65
N HIS A 101 11.93 18.01 3.56
CA HIS A 101 11.54 19.17 4.34
C HIS A 101 11.31 20.39 3.45
N ARG A 102 12.18 20.61 2.47
CA ARG A 102 11.97 21.73 1.55
C ARG A 102 10.71 21.56 0.73
N ALA A 103 10.35 20.32 0.38
CA ALA A 103 9.11 20.10 -0.32
C ALA A 103 7.90 20.37 0.56
N ALA A 104 7.95 19.92 1.82
CA ALA A 104 6.85 20.18 2.73
C ALA A 104 6.68 21.68 2.92
N ILE A 105 7.79 22.35 3.16
CA ILE A 105 7.74 23.79 3.39
C ILE A 105 7.26 24.51 2.15
N GLY A 106 7.74 24.07 0.99
CA GLY A 106 7.28 24.64 -0.26
C GLY A 106 5.79 24.53 -0.48
N LEU A 107 5.20 23.37 -0.21
CA LEU A 107 3.78 23.26 -0.45
C LEU A 107 3.01 24.16 0.49
N SER A 108 3.48 24.30 1.73
CA SER A 108 2.85 25.13 2.74
C SER A 108 2.98 26.63 2.43
N GLU A 109 3.92 27.03 1.56
CA GLU A 109 3.91 28.36 0.96
C GLU A 109 2.89 28.48 -0.16
N ALA A 110 2.65 27.41 -0.91
CA ALA A 110 1.83 27.50 -2.10
C ALA A 110 0.35 27.19 -1.87
N SER A 111 -0.02 26.75 -0.66
CA SER A 111 -1.37 26.27 -0.44
C SER A 111 -1.62 26.29 1.06
N ASP A 112 -2.86 25.96 1.44
CA ASP A 112 -3.23 25.76 2.83
C ASP A 112 -3.22 24.28 3.25
N ALA A 113 -2.53 23.43 2.51
CA ALA A 113 -2.37 22.04 2.90
C ALA A 113 -1.61 21.90 4.21
N PHE A 114 -1.97 20.84 4.95
CA PHE A 114 -1.26 20.45 6.17
C PHE A 114 -0.30 19.33 5.80
N THR A 115 0.98 19.50 6.08
CA THR A 115 1.97 18.49 5.71
C THR A 115 2.77 18.09 6.93
N PHE A 116 3.10 16.81 7.04
CA PHE A 116 4.04 16.37 8.04
C PHE A 116 5.11 15.51 7.39
N VAL A 117 6.25 15.47 8.07
CA VAL A 117 7.48 14.84 7.62
C VAL A 117 8.07 14.02 8.73
N VAL A 118 8.65 12.88 8.37
CA VAL A 118 9.55 12.13 9.23
C VAL A 118 10.91 12.16 8.56
N SER A 119 11.93 12.60 9.29
CA SER A 119 13.26 12.73 8.73
C SER A 119 13.91 11.34 8.63
N GLU A 120 14.52 11.04 7.49
CA GLU A 120 15.29 9.80 7.40
C GLU A 120 16.63 9.92 8.09
N GLU A 121 17.06 11.15 8.41
CA GLU A 121 18.34 11.31 9.09
C GLU A 121 18.19 11.17 10.60
N THR A 122 17.16 11.75 11.19
CA THR A 122 17.02 11.74 12.64
C THR A 122 15.76 11.04 13.14
N GLY A 123 14.82 10.75 12.26
CA GLY A 123 13.50 10.33 12.72
C GLY A 123 12.62 11.43 13.26
N ALA A 124 13.07 12.68 13.22
CA ALA A 124 12.26 13.76 13.76
C ALA A 124 10.97 13.94 12.96
N ILE A 125 9.90 14.13 13.70
CA ILE A 125 8.57 14.42 13.19
C ILE A 125 8.43 15.93 13.10
N SER A 126 8.05 16.42 11.92
CA SER A 126 7.90 17.87 11.73
C SER A 126 6.63 18.17 10.95
N VAL A 127 6.13 19.39 11.13
CA VAL A 127 4.93 19.83 10.46
C VAL A 127 5.19 21.14 9.72
N ALA A 128 4.62 21.26 8.53
CA ALA A 128 4.67 22.48 7.75
C ALA A 128 3.25 22.88 7.41
N TYR A 129 2.86 24.09 7.82
CA TYR A 129 1.48 24.53 7.72
C TYR A 129 1.45 26.06 7.64
N LYS A 130 0.94 26.58 6.54
CA LYS A 130 0.78 28.02 6.33
C LYS A 130 2.08 28.77 6.52
N GLY A 131 3.15 28.21 5.98
CA GLY A 131 4.43 28.86 6.01
C GLY A 131 5.20 28.71 7.28
N ASP A 132 4.61 28.11 8.31
CA ASP A 132 5.32 27.86 9.56
C ASP A 132 5.84 26.44 9.59
N PHE A 133 7.00 26.25 10.23
CA PHE A 133 7.67 24.96 10.25
C PHE A 133 7.99 24.62 11.69
N ILE A 134 7.50 23.46 12.13
CA ILE A 134 7.60 23.02 13.52
C ILE A 134 8.40 21.73 13.53
N HIS A 135 9.62 21.79 14.05
CA HIS A 135 10.58 20.69 14.01
C HIS A 135 10.53 19.86 15.27
N ASP A 136 10.71 18.54 15.14
CA ASP A 136 10.91 17.64 16.28
C ASP A 136 9.76 17.68 17.30
N LEU A 137 8.58 17.40 16.82
CA LEU A 137 7.45 17.17 17.71
C LEU A 137 7.55 15.82 18.42
N SER A 138 7.12 15.79 19.67
CA SER A 138 6.88 14.51 20.31
C SER A 138 5.61 13.88 19.74
N LEU A 139 5.44 12.59 20.04
CA LEU A 139 4.25 11.89 19.57
C LEU A 139 3.00 12.47 20.19
N GLU A 140 3.06 12.84 21.47
CA GLU A 140 1.92 13.46 22.12
C GLU A 140 1.59 14.80 21.47
N ALA A 141 2.64 15.64 21.25
CA ALA A 141 2.45 16.94 20.63
C ALA A 141 1.85 16.81 19.23
N PHE A 142 2.42 15.93 18.44
CA PHE A 142 1.87 15.63 17.12
C PHE A 142 0.40 15.26 17.19
N GLU A 143 0.04 14.31 18.05
CA GLU A 143 -1.36 13.92 18.13
C GLU A 143 -2.25 15.10 18.54
N VAL A 144 -1.84 15.88 19.55
CA VAL A 144 -2.74 16.94 19.99
C VAL A 144 -2.88 17.98 18.91
N LEU A 145 -1.79 18.28 18.19
CA LEU A 145 -1.91 19.22 17.08
C LEU A 145 -2.88 18.69 16.03
N LEU A 146 -2.75 17.40 15.67
CA LEU A 146 -3.65 16.83 14.68
C LEU A 146 -5.10 16.92 15.14
N ARG A 147 -5.37 16.64 16.42
CA ARG A 147 -6.74 16.73 16.92
C ARG A 147 -7.26 18.16 16.91
N GLU A 148 -6.46 19.12 17.40
CA GLU A 148 -6.91 20.49 17.40
C GLU A 148 -7.17 20.96 15.98
N HIS A 149 -6.41 20.45 15.02
CA HIS A 149 -6.60 20.92 13.67
C HIS A 149 -7.71 20.18 12.91
N PHE A 150 -7.85 18.87 13.12
CA PHE A 150 -8.74 18.08 12.27
C PHE A 150 -10.05 17.67 12.94
N ILE A 151 -10.20 17.82 14.25
CA ILE A 151 -11.46 17.34 14.83
C ILE A 151 -12.54 18.42 14.97
N GLN B 2 -12.65 -1.19 -19.17
CA GLN B 2 -13.23 -2.50 -18.84
C GLN B 2 -12.53 -3.63 -19.60
N LEU B 3 -12.48 -3.60 -20.92
CA LEU B 3 -11.49 -4.46 -21.58
C LEU B 3 -10.08 -3.97 -21.28
N SER B 4 -9.90 -2.65 -21.22
CA SER B 4 -8.61 -2.07 -20.86
C SER B 4 -8.33 -2.27 -19.38
N ASP B 5 -9.37 -2.27 -18.55
CA ASP B 5 -9.18 -2.58 -17.14
C ASP B 5 -8.64 -4.00 -16.98
N ASP B 6 -9.15 -4.97 -17.75
CA ASP B 6 -8.61 -6.32 -17.67
C ASP B 6 -7.13 -6.38 -18.08
N GLU B 7 -6.74 -5.60 -19.09
CA GLU B 7 -5.32 -5.58 -19.47
C GLU B 7 -4.46 -4.90 -18.42
N LYS B 8 -4.99 -3.91 -17.71
CA LYS B 8 -4.22 -3.30 -16.63
C LYS B 8 -4.06 -4.26 -15.46
N LEU B 9 -5.10 -5.04 -15.20
CA LEU B 9 -5.05 -6.06 -14.15
C LEU B 9 -3.97 -7.05 -14.44
N VAL B 10 -3.94 -7.57 -15.68
CA VAL B 10 -2.94 -8.56 -16.05
C VAL B 10 -1.53 -7.96 -15.92
N ALA B 11 -1.36 -6.73 -16.42
CA ALA B 11 -0.05 -6.09 -16.39
C ALA B 11 0.41 -5.84 -14.95
N ALA B 12 -0.52 -5.45 -14.07
CA ALA B 12 -0.21 -5.26 -12.66
C ALA B 12 0.30 -6.55 -12.02
N PHE B 13 -0.42 -7.66 -12.22
CA PHE B 13 -0.02 -8.93 -11.64
C PHE B 13 1.32 -9.38 -12.19
N VAL B 14 1.55 -9.20 -13.50
CA VAL B 14 2.83 -9.58 -14.09
C VAL B 14 3.96 -8.74 -13.54
N LYS B 15 3.77 -7.41 -13.40
CA LYS B 15 4.83 -6.56 -12.84
C LYS B 15 5.17 -6.98 -11.40
N ALA B 16 4.14 -7.25 -10.60
CA ALA B 16 4.36 -7.63 -9.20
C ALA B 16 5.12 -8.94 -9.11
N VAL B 17 4.70 -9.97 -9.87
CA VAL B 17 5.37 -11.26 -9.78
C VAL B 17 6.76 -11.21 -10.39
N ALA B 18 6.96 -10.38 -11.43
CA ALA B 18 8.31 -10.23 -11.98
C ALA B 18 9.28 -9.62 -10.99
N TYR B 19 8.78 -8.79 -10.06
CA TYR B 19 9.61 -8.23 -9.02
C TYR B 19 9.82 -9.23 -7.88
N MET B 20 8.74 -9.89 -7.46
CA MET B 20 8.81 -10.70 -6.23
C MET B 20 9.47 -12.05 -6.45
N SER B 21 9.22 -12.70 -7.58
CA SER B 21 9.73 -14.05 -7.78
C SER B 21 11.25 -14.11 -7.72
N PRO B 22 12.01 -13.30 -8.45
CA PRO B 22 13.48 -13.40 -8.36
C PRO B 22 14.04 -12.92 -7.03
N ARG B 23 13.26 -12.20 -6.23
CA ARG B 23 13.66 -11.82 -4.88
C ARG B 23 13.15 -12.79 -3.81
N LYS B 24 12.42 -13.82 -4.22
CA LYS B 24 11.82 -14.80 -3.30
C LYS B 24 11.02 -14.09 -2.21
N ILE B 25 10.19 -13.14 -2.64
CA ILE B 25 9.21 -12.49 -1.77
C ILE B 25 7.88 -13.23 -1.89
N GLY B 26 7.39 -13.74 -0.76
CA GLY B 26 6.16 -14.50 -0.76
C GLY B 26 4.96 -13.60 -1.02
N ALA B 27 4.00 -14.13 -1.76
CA ALA B 27 2.84 -13.34 -2.16
C ALA B 27 1.68 -14.28 -2.36
N LEU B 28 0.49 -13.77 -2.07
CA LEU B 28 -0.71 -14.58 -2.19
C LEU B 28 -1.84 -13.64 -2.57
N VAL B 29 -2.36 -13.82 -3.79
CA VAL B 29 -3.34 -12.92 -4.36
C VAL B 29 -4.50 -13.72 -4.90
N SER B 30 -5.70 -13.36 -4.49
CA SER B 30 -6.92 -14.06 -4.89
C SER B 30 -7.86 -13.07 -5.56
N ILE B 31 -8.46 -13.48 -6.67
CA ILE B 31 -9.37 -12.63 -7.45
C ILE B 31 -10.76 -13.23 -7.45
N GLU B 32 -11.73 -12.44 -6.99
CA GLU B 32 -13.14 -12.85 -6.96
C GLU B 32 -13.70 -13.08 -8.35
N GLU B 33 -14.41 -14.20 -8.52
CA GLU B 33 -15.18 -14.46 -9.76
C GLU B 33 -16.66 -14.41 -9.46
N THR B 34 -17.41 -15.49 -9.71
CA THR B 34 -18.86 -15.38 -9.53
C THR B 34 -19.29 -15.57 -8.07
N GLN B 35 -18.50 -16.28 -7.28
CA GLN B 35 -18.80 -16.51 -5.89
C GLN B 35 -18.20 -15.40 -5.04
N THR B 36 -19.04 -14.74 -4.23
CA THR B 36 -18.54 -13.68 -3.36
C THR B 36 -17.46 -14.18 -2.41
N LEU B 37 -16.45 -13.35 -2.20
CA LEU B 37 -15.43 -13.58 -1.19
C LEU B 37 -15.63 -12.69 0.02
N ARG B 38 -16.80 -12.07 0.15
CA ARG B 38 -17.13 -11.21 1.27
C ARG B 38 -16.66 -11.73 2.62
N GLU B 39 -16.82 -13.02 2.90
CA GLU B 39 -16.47 -13.50 4.23
C GLU B 39 -14.96 -13.49 4.47
N TYR B 40 -14.15 -13.71 3.42
CA TYR B 40 -12.71 -13.61 3.59
C TYR B 40 -12.24 -12.16 3.57
N ILE B 41 -12.90 -11.31 2.79
CA ILE B 41 -12.57 -9.90 2.75
C ILE B 41 -12.73 -9.27 4.14
N ALA B 42 -13.73 -9.74 4.88
CA ALA B 42 -13.98 -9.30 6.24
C ALA B 42 -12.83 -9.57 7.20
N THR B 43 -11.91 -10.47 6.85
CA THR B 43 -10.79 -10.76 7.73
C THR B 43 -9.56 -9.90 7.48
N GLY B 44 -9.55 -9.07 6.45
CA GLY B 44 -8.36 -8.34 6.04
C GLY B 44 -8.43 -6.86 6.43
N ILE B 45 -7.36 -6.14 6.11
CA ILE B 45 -7.28 -4.69 6.32
C ILE B 45 -7.86 -4.02 5.08
N PRO B 46 -8.87 -3.17 5.22
CA PRO B 46 -9.47 -2.55 4.03
C PRO B 46 -8.49 -1.58 3.37
N LEU B 47 -8.34 -1.76 2.06
CA LEU B 47 -7.60 -0.87 1.18
C LEU B 47 -8.48 -0.18 0.16
N ASP B 48 -9.41 -0.90 -0.48
CA ASP B 48 -10.25 -0.37 -1.55
C ASP B 48 -9.41 0.47 -2.54
N ALA B 49 -8.26 -0.09 -2.93
CA ALA B 49 -7.21 0.63 -3.64
C ALA B 49 -7.23 0.31 -5.13
N ASP B 50 -6.83 1.30 -5.93
CA ASP B 50 -6.64 1.04 -7.34
C ASP B 50 -5.56 -0.02 -7.52
N ILE B 51 -5.72 -0.87 -8.54
CA ILE B 51 -4.77 -1.95 -8.75
C ILE B 51 -3.57 -1.43 -9.52
N SER B 52 -2.37 -1.66 -8.99
CA SER B 52 -1.17 -1.39 -9.75
C SER B 52 -0.12 -2.39 -9.33
N GLY B 53 0.84 -2.66 -10.22
CA GLY B 53 1.95 -3.52 -9.85
C GLY B 53 2.73 -2.95 -8.67
N GLU B 54 2.94 -1.63 -8.66
CA GLU B 54 3.71 -1.00 -7.60
C GLU B 54 3.07 -1.18 -6.24
N LEU B 55 1.75 -1.00 -6.14
CA LEU B 55 1.10 -1.17 -4.85
C LEU B 55 1.13 -2.62 -4.40
N LEU B 56 0.97 -3.57 -5.33
CA LEU B 56 1.07 -4.97 -4.94
C LEU B 56 2.45 -5.32 -4.39
N ILE B 57 3.50 -4.76 -5.00
CA ILE B 57 4.85 -5.04 -4.50
C ILE B 57 4.99 -4.48 -3.08
N ASN B 58 4.60 -3.21 -2.90
CA ASN B 58 4.77 -2.60 -1.59
C ASN B 58 4.01 -3.34 -0.51
N ILE B 59 2.83 -3.86 -0.83
CA ILE B 59 2.06 -4.64 0.15
C ILE B 59 2.89 -5.79 0.70
N PHE B 60 3.59 -6.50 -0.19
CA PHE B 60 4.17 -7.80 0.18
C PHE B 60 5.62 -7.71 0.64
N ILE B 61 6.18 -6.51 0.77
CA ILE B 61 7.58 -6.42 1.20
C ILE B 61 7.72 -7.13 2.55
N PRO B 62 8.71 -7.99 2.73
CA PRO B 62 8.74 -8.78 3.98
C PRO B 62 8.83 -7.93 5.23
N ASN B 63 8.24 -8.46 6.30
CA ASN B 63 8.31 -7.85 7.63
C ASN B 63 7.66 -6.47 7.69
N THR B 64 6.55 -6.29 6.97
CA THR B 64 5.87 -5.00 6.98
C THR B 64 4.45 -5.21 7.47
N PRO B 65 3.75 -4.15 7.88
CA PRO B 65 2.40 -4.36 8.41
C PRO B 65 1.39 -5.03 7.45
N LEU B 66 1.50 -4.85 6.13
CA LEU B 66 0.49 -5.41 5.23
C LEU B 66 0.88 -6.75 4.61
N HIS B 67 2.06 -7.31 4.93
CA HIS B 67 2.57 -8.38 4.08
C HIS B 67 1.97 -9.76 4.40
N ASP B 68 1.48 -9.98 5.60
CA ASP B 68 1.15 -11.33 6.04
C ASP B 68 -0.33 -11.63 5.78
N GLY B 69 -0.60 -12.60 4.93
CA GLY B 69 -1.95 -12.94 4.53
C GLY B 69 -2.17 -12.65 3.06
N ALA B 70 -3.42 -12.76 2.64
CA ALA B 70 -3.80 -12.67 1.24
C ALA B 70 -4.32 -11.30 0.87
N VAL B 71 -3.98 -10.88 -0.33
CA VAL B 71 -4.64 -9.79 -1.01
C VAL B 71 -5.83 -10.35 -1.75
N ILE B 72 -6.97 -9.67 -1.65
CA ILE B 72 -8.18 -10.08 -2.37
C ILE B 72 -8.57 -8.94 -3.29
N VAL B 73 -8.69 -9.26 -4.56
CA VAL B 73 -9.09 -8.33 -5.62
C VAL B 73 -10.55 -8.56 -5.96
N GLU B 74 -11.31 -7.46 -5.98
CA GLU B 74 -12.74 -7.44 -6.27
C GLU B 74 -12.93 -6.39 -7.36
N GLY B 75 -13.30 -6.83 -8.56
CA GLY B 75 -13.53 -5.90 -9.65
C GLY B 75 -12.22 -5.30 -10.09
N ASN B 76 -12.14 -3.98 -10.05
CA ASN B 76 -10.91 -3.27 -10.33
C ASN B 76 -10.37 -2.58 -9.08
N LYS B 77 -10.55 -3.23 -7.92
CA LYS B 77 -9.99 -2.73 -6.68
C LYS B 77 -9.27 -3.85 -5.93
N ILE B 78 -8.18 -3.47 -5.29
CA ILE B 78 -7.64 -4.27 -4.18
C ILE B 78 -8.54 -4.01 -2.99
N ALA B 79 -9.37 -4.98 -2.65
CA ALA B 79 -10.33 -4.81 -1.56
C ALA B 79 -9.60 -4.77 -0.22
N VAL B 80 -8.75 -5.78 0.02
CA VAL B 80 -8.06 -5.91 1.30
C VAL B 80 -6.72 -6.56 1.06
N SER B 81 -5.85 -6.42 2.06
CA SER B 81 -4.69 -7.27 2.26
C SER B 81 -4.85 -7.94 3.62
N CYS B 82 -3.90 -8.81 3.94
CA CYS B 82 -3.84 -9.53 5.21
C CYS B 82 -5.07 -10.41 5.46
N ALA B 83 -5.79 -10.81 4.43
CA ALA B 83 -6.92 -11.70 4.64
C ALA B 83 -6.44 -13.10 5.01
N TYR B 84 -7.28 -13.81 5.80
CA TYR B 84 -6.99 -15.15 6.29
C TYR B 84 -7.82 -16.13 5.46
N LEU B 85 -7.18 -16.99 4.73
CA LEU B 85 -7.86 -17.93 3.85
C LEU B 85 -7.91 -19.31 4.51
N PRO B 86 -8.98 -20.09 4.30
CA PRO B 86 -9.03 -21.43 4.88
C PRO B 86 -7.90 -22.29 4.30
N LEU B 87 -7.20 -23.00 5.19
CA LEU B 87 -6.22 -23.98 4.72
C LEU B 87 -6.91 -25.22 4.14
N SER B 88 -6.22 -25.87 3.22
CA SER B 88 -6.61 -27.19 2.73
C SER B 88 -6.11 -28.24 3.71
N GLU B 89 -6.97 -29.21 4.00
CA GLU B 89 -6.58 -30.38 4.78
C GLU B 89 -6.37 -31.61 3.91
N SER B 90 -6.36 -31.45 2.59
CA SER B 90 -6.04 -32.55 1.70
C SER B 90 -4.62 -33.03 1.98
N SER B 91 -4.43 -34.35 1.90
CA SER B 91 -3.15 -34.99 2.15
C SER B 91 -2.30 -35.10 0.90
N HIS B 92 -2.88 -34.86 -0.28
CA HIS B 92 -2.17 -34.98 -1.54
C HIS B 92 -1.22 -33.81 -1.80
N ILE B 93 -1.05 -32.92 -0.82
CA ILE B 93 -0.19 -31.75 -0.96
C ILE B 93 1.22 -32.13 -0.52
N SER B 94 2.16 -32.06 -1.46
CA SER B 94 3.56 -32.36 -1.18
C SER B 94 3.98 -31.72 0.14
N LYS B 95 4.90 -32.37 0.85
CA LYS B 95 5.28 -31.87 2.17
C LYS B 95 5.94 -30.49 2.08
N GLU B 96 6.67 -30.22 0.98
CA GLU B 96 7.44 -28.99 0.86
C GLU B 96 6.57 -27.77 0.63
N PHE B 97 5.30 -27.93 0.27
CA PHE B 97 4.42 -26.78 0.04
C PHE B 97 3.94 -26.26 1.38
N GLY B 98 4.19 -24.99 1.65
CA GLY B 98 3.91 -24.40 2.94
C GLY B 98 2.51 -23.84 3.09
N THR B 99 2.37 -22.99 4.10
CA THR B 99 1.11 -22.38 4.49
C THR B 99 0.46 -21.58 3.37
N ARG B 100 1.25 -20.74 2.72
CA ARG B 100 0.72 -19.91 1.64
C ARG B 100 0.09 -20.78 0.57
N HIS B 101 0.79 -21.84 0.16
CA HIS B 101 0.28 -22.71 -0.89
C HIS B 101 -0.98 -23.46 -0.45
N ARG B 102 -1.02 -23.91 0.80
CA ARG B 102 -2.20 -24.60 1.30
C ARG B 102 -3.38 -23.67 1.47
N ALA B 103 -3.11 -22.39 1.73
CA ALA B 103 -4.20 -21.42 1.80
C ALA B 103 -4.78 -21.20 0.41
N ALA B 104 -3.93 -21.03 -0.58
CA ALA B 104 -4.39 -20.86 -1.96
C ALA B 104 -5.18 -22.09 -2.40
N ILE B 105 -4.64 -23.28 -2.14
CA ILE B 105 -5.35 -24.49 -2.56
C ILE B 105 -6.69 -24.58 -1.87
N GLY B 106 -6.72 -24.31 -0.56
CA GLY B 106 -7.98 -24.36 0.16
C GLY B 106 -9.04 -23.43 -0.40
N LEU B 107 -8.65 -22.19 -0.73
CA LEU B 107 -9.65 -21.29 -1.32
C LEU B 107 -10.13 -21.80 -2.66
N SER B 108 -9.25 -22.47 -3.43
CA SER B 108 -9.63 -22.94 -4.75
C SER B 108 -10.52 -24.18 -4.69
N GLU B 109 -10.60 -24.83 -3.56
CA GLU B 109 -11.52 -25.93 -3.33
C GLU B 109 -12.87 -25.44 -2.80
N ALA B 110 -12.91 -24.24 -2.20
CA ALA B 110 -14.09 -23.72 -1.55
C ALA B 110 -14.79 -22.60 -2.29
N SER B 111 -14.33 -22.24 -3.49
CA SER B 111 -14.84 -21.09 -4.22
C SER B 111 -14.30 -21.20 -5.64
N ASP B 112 -14.83 -20.38 -6.54
CA ASP B 112 -14.29 -20.30 -7.89
C ASP B 112 -13.32 -19.13 -8.04
N ALA B 113 -12.70 -18.69 -6.96
CA ALA B 113 -11.72 -17.63 -7.07
C ALA B 113 -10.44 -18.11 -7.76
N PHE B 114 -9.76 -17.18 -8.43
CA PHE B 114 -8.48 -17.41 -9.08
C PHE B 114 -7.38 -16.90 -8.15
N THR B 115 -6.48 -17.79 -7.76
CA THR B 115 -5.41 -17.43 -6.81
C THR B 115 -4.04 -17.73 -7.38
N PHE B 116 -3.12 -16.80 -7.20
CA PHE B 116 -1.74 -17.10 -7.49
C PHE B 116 -0.85 -16.83 -6.28
N VAL B 117 0.27 -17.55 -6.27
CA VAL B 117 1.22 -17.54 -5.17
C VAL B 117 2.61 -17.31 -5.72
N VAL B 118 3.43 -16.58 -4.98
CA VAL B 118 4.87 -16.60 -5.14
C VAL B 118 5.44 -17.21 -3.87
N SER B 119 6.29 -18.22 -4.03
CA SER B 119 6.92 -18.92 -2.93
C SER B 119 8.03 -18.08 -2.33
N GLU B 120 7.99 -17.90 -1.02
CA GLU B 120 9.12 -17.22 -0.39
C GLU B 120 10.35 -18.11 -0.25
N GLU B 121 10.23 -19.41 -0.47
CA GLU B 121 11.38 -20.31 -0.35
C GLU B 121 12.15 -20.39 -1.66
N THR B 122 11.42 -20.44 -2.77
CA THR B 122 12.00 -20.67 -4.09
C THR B 122 11.70 -19.59 -5.12
N GLY B 123 10.72 -18.70 -4.87
CA GLY B 123 10.34 -17.73 -5.87
C GLY B 123 9.46 -18.32 -6.95
N ALA B 124 9.14 -19.59 -6.86
CA ALA B 124 8.25 -20.22 -7.84
C ALA B 124 6.89 -19.52 -7.85
N ILE B 125 6.33 -19.36 -9.04
CA ILE B 125 5.00 -18.81 -9.28
C ILE B 125 4.03 -19.97 -9.46
N SER B 126 2.92 -19.96 -8.73
CA SER B 126 1.94 -21.03 -8.86
C SER B 126 0.53 -20.46 -8.92
N VAL B 127 -0.37 -21.24 -9.50
CA VAL B 127 -1.76 -20.87 -9.61
C VAL B 127 -2.61 -21.97 -9.00
N ALA B 128 -3.65 -21.58 -8.27
CA ALA B 128 -4.64 -22.50 -7.74
C ALA B 128 -6.01 -22.07 -8.22
N TYR B 129 -6.70 -22.93 -8.98
CA TYR B 129 -7.98 -22.55 -9.54
C TYR B 129 -8.87 -23.78 -9.70
N LYS B 130 -10.01 -23.77 -9.01
CA LYS B 130 -11.04 -24.81 -9.14
C LYS B 130 -10.46 -26.20 -8.90
N GLY B 131 -9.57 -26.31 -7.91
CA GLY B 131 -8.99 -27.59 -7.51
C GLY B 131 -7.78 -28.04 -8.30
N ASP B 132 -7.35 -27.29 -9.30
CA ASP B 132 -6.11 -27.58 -10.02
C ASP B 132 -5.01 -26.70 -9.43
N PHE B 133 -3.82 -27.27 -9.36
CA PHE B 133 -2.65 -26.56 -8.83
C PHE B 133 -1.53 -26.64 -9.85
N ILE B 134 -1.10 -25.49 -10.33
CA ILE B 134 -0.10 -25.36 -11.37
C ILE B 134 1.14 -24.78 -10.73
N HIS B 135 2.21 -25.58 -10.64
CA HIS B 135 3.41 -25.18 -9.95
C HIS B 135 4.50 -24.63 -10.88
N ASP B 136 5.17 -23.57 -10.43
CA ASP B 136 6.42 -23.11 -11.04
C ASP B 136 6.23 -22.69 -12.50
N LEU B 137 5.29 -21.79 -12.73
CA LEU B 137 5.08 -21.19 -14.03
C LEU B 137 6.23 -20.24 -14.38
N SER B 138 6.59 -20.18 -15.66
CA SER B 138 7.44 -19.09 -16.11
C SER B 138 6.61 -17.81 -16.15
N LEU B 139 7.33 -16.68 -16.11
CA LEU B 139 6.66 -15.39 -16.18
C LEU B 139 5.86 -15.25 -17.47
N GLU B 140 6.42 -15.73 -18.59
CA GLU B 140 5.69 -15.69 -19.85
C GLU B 140 4.44 -16.57 -19.80
N ALA B 141 4.54 -17.78 -19.20
CA ALA B 141 3.37 -18.66 -19.08
C ALA B 141 2.32 -18.06 -18.15
N PHE B 142 2.75 -17.50 -17.02
CA PHE B 142 1.84 -16.80 -16.12
C PHE B 142 1.06 -15.73 -16.85
N GLU B 143 1.77 -14.89 -17.64
CA GLU B 143 1.13 -13.81 -18.37
C GLU B 143 0.09 -14.35 -19.35
N VAL B 144 0.44 -15.36 -20.15
CA VAL B 144 -0.51 -15.81 -21.18
C VAL B 144 -1.72 -16.48 -20.51
N LEU B 145 -1.49 -17.19 -19.41
CA LEU B 145 -2.61 -17.79 -18.68
C LEU B 145 -3.54 -16.71 -18.14
N LEU B 146 -2.97 -15.66 -17.53
CA LEU B 146 -3.81 -14.56 -17.09
C LEU B 146 -4.57 -13.94 -18.25
N ARG B 147 -3.89 -13.73 -19.37
CA ARG B 147 -4.56 -13.09 -20.50
C ARG B 147 -5.73 -13.94 -20.96
N GLU B 148 -5.49 -15.25 -21.12
CA GLU B 148 -6.55 -16.15 -21.57
C GLU B 148 -7.71 -16.17 -20.59
N HIS B 149 -7.42 -16.07 -19.29
CA HIS B 149 -8.47 -16.17 -18.30
C HIS B 149 -9.23 -14.86 -18.14
N PHE B 150 -8.54 -13.70 -18.21
CA PHE B 150 -9.13 -12.42 -17.83
C PHE B 150 -9.41 -11.47 -18.97
N ILE B 151 -8.74 -11.59 -20.11
CA ILE B 151 -8.96 -10.65 -21.22
C ILE B 151 -10.08 -11.19 -22.11
#